data_8BYY
#
_entry.id   8BYY
#
_cell.length_a   81.853
_cell.length_b   112.139
_cell.length_c   62.678
_cell.angle_alpha   90.00
_cell.angle_beta   90.00
_cell.angle_gamma   90.00
#
_symmetry.space_group_name_H-M   'C 2 2 21'
#
loop_
_entity.id
_entity.type
_entity.pdbx_description
1 polymer '14-3-3 protein sigma'
2 polymer 'ERalpha peptide'
3 non-polymer ~{N}-[3-(5-carbamimidoylthiophen-3-yl)phenyl]-2-[(4-chlorophenyl)amino]-2-methyl-propanamide
4 water water
#
loop_
_entity_poly.entity_id
_entity_poly.type
_entity_poly.pdbx_seq_one_letter_code
_entity_poly.pdbx_strand_id
1 'polypeptide(L)'
;GAMGSMERASLIQKAKLAEQAERYEDMAAFMKGAVEKGEELSCEERNLLSVAYKNVVGGQRAAWRVLSSIEQKSNEEGSE
EKGPEVREYREKVETELQGVCDTVLGLLDSHLIKEAGDAESRVFYLKMKGDYYRYLAEVATGDDKKRIIDSARSAYQEAM
DISKKEMPPTNPIRLGLALNFSVFHYEIANSPEEAISLAKTTFDEAMADLHTLSEDSYKDSTLIMQLLRDNLTLWT
;
A
2 'polypeptide(L)' FPA(TPO)V B
#
loop_
_chem_comp.id
_chem_comp.type
_chem_comp.name
_chem_comp.formula
SE3 non-polymer ~{N}-[3-(5-carbamimidoylthiophen-3-yl)phenyl]-2-[(4-chlorophenyl)amino]-2-methyl-propanamide 'C21 H21 Cl N4 O S'
#
# COMPACT_ATOMS: atom_id res chain seq x y z
N GLY A 1 1.27 10.89 22.17
CA GLY A 1 1.64 9.48 21.80
C GLY A 1 1.74 8.60 23.03
N ALA A 2 0.87 7.60 23.09
CA ALA A 2 0.86 6.66 24.21
C ALA A 2 2.10 5.77 24.23
N MET A 3 2.92 5.78 23.19
CA MET A 3 4.19 5.05 23.17
C MET A 3 5.37 5.94 23.50
N GLY A 4 5.13 7.18 23.86
CA GLY A 4 6.23 8.10 24.09
C GLY A 4 7.16 7.70 25.21
N SER A 5 6.67 6.94 26.19
CA SER A 5 7.51 6.54 27.31
C SER A 5 8.25 5.22 27.07
N MET A 6 8.01 4.52 25.95
CA MET A 6 8.66 3.27 25.68
C MET A 6 9.91 3.46 24.81
N GLU A 7 10.99 2.74 25.17
CA GLU A 7 12.21 2.74 24.37
C GLU A 7 11.95 2.36 22.91
N ARG A 8 12.65 3.05 22.00
CA ARG A 8 12.55 2.70 20.59
C ARG A 8 12.79 1.20 20.38
N ALA A 9 13.85 0.66 20.98
CA ALA A 9 14.19 -0.74 20.71
C ALA A 9 13.10 -1.67 21.24
N SER A 10 12.48 -1.30 22.36
CA SER A 10 11.39 -2.09 22.93
C SER A 10 10.16 -2.06 22.04
N LEU A 11 9.91 -0.92 21.41
CA LEU A 11 8.79 -0.82 20.47
C LEU A 11 9.00 -1.75 19.28
N ILE A 12 10.22 -1.76 18.72
CA ILE A 12 10.54 -2.64 17.60
C ILE A 12 10.44 -4.09 18.02
N GLN A 13 10.97 -4.44 19.21
CA GLN A 13 10.86 -5.81 19.71
C GLN A 13 9.39 -6.21 19.84
N LYS A 14 8.57 -5.33 20.39
CA LYS A 14 7.16 -5.68 20.58
C LYS A 14 6.41 -5.71 19.27
N ALA A 15 6.77 -4.88 18.29
CA ALA A 15 6.17 -5.03 16.96
C ALA A 15 6.40 -6.42 16.40
N LYS A 16 7.61 -6.97 16.56
CA LYS A 16 7.90 -8.32 16.07
C LYS A 16 7.11 -9.37 16.83
N LEU A 17 6.95 -9.19 18.14
CA LEU A 17 6.12 -10.09 18.93
C LEU A 17 4.66 -10.03 18.50
N ALA A 18 4.16 -8.81 18.27
CA ALA A 18 2.79 -8.64 17.82
C ALA A 18 2.58 -9.32 16.48
N GLU A 19 3.55 -9.22 15.58
CA GLU A 19 3.45 -9.94 14.31
C GLU A 19 3.31 -11.44 14.52
N GLN A 20 4.16 -12.00 15.40
CA GLN A 20 4.10 -13.45 15.65
C GLN A 20 2.74 -13.84 16.21
N ALA A 21 2.12 -12.97 17.01
CA ALA A 21 0.80 -13.18 17.60
C ALA A 21 -0.35 -12.77 16.67
N GLU A 22 -0.06 -12.34 15.45
CA GLU A 22 -1.05 -11.85 14.48
C GLU A 22 -1.92 -10.74 15.09
N ARG A 23 -1.28 -9.87 15.87
CA ARG A 23 -1.92 -8.72 16.49
C ARG A 23 -1.46 -7.48 15.74
N TYR A 24 -2.04 -7.27 14.54
CA TYR A 24 -1.49 -6.26 13.65
C TYR A 24 -1.84 -4.84 14.05
N GLU A 25 -3.00 -4.62 14.69
CA GLU A 25 -3.29 -3.30 15.23
C GLU A 25 -2.21 -2.90 16.26
N ASP A 26 -1.88 -3.81 17.19
CA ASP A 26 -0.78 -3.54 18.12
C ASP A 26 0.52 -3.30 17.37
N MET A 27 0.83 -4.15 16.40
CA MET A 27 2.06 -3.99 15.62
C MET A 27 2.16 -2.61 15.02
N ALA A 28 1.06 -2.12 14.46
CA ALA A 28 1.04 -0.80 13.84
C ALA A 28 1.23 0.29 14.88
N ALA A 29 0.58 0.15 16.04
CA ALA A 29 0.77 1.15 17.09
C ALA A 29 2.21 1.20 17.58
N PHE A 30 2.84 0.03 17.73
CA PHE A 30 4.24 -0.01 18.16
C PHE A 30 5.11 0.66 17.10
N MET A 31 4.86 0.38 15.81
CA MET A 31 5.73 0.94 14.78
C MET A 31 5.49 2.45 14.63
N LYS A 32 4.24 2.91 14.80
CA LYS A 32 3.99 4.36 14.84
C LYS A 32 4.79 5.01 15.97
N GLY A 33 4.79 4.39 17.15
CA GLY A 33 5.61 4.89 18.22
C GLY A 33 7.08 4.96 17.86
N ALA A 34 7.58 3.92 17.18
CA ALA A 34 8.98 3.90 16.78
C ALA A 34 9.27 5.02 15.80
N VAL A 35 8.41 5.22 14.81
CA VAL A 35 8.62 6.33 13.86
C VAL A 35 8.66 7.65 14.60
N GLU A 36 7.76 7.84 15.56
CA GLU A 36 7.67 9.11 16.27
C GLU A 36 8.86 9.37 17.19
N LYS A 37 9.77 8.42 17.39
CA LYS A 37 11.03 8.74 18.03
C LYS A 37 11.89 9.67 17.20
N GLY A 38 11.62 9.80 15.91
CA GLY A 38 12.28 10.80 15.09
C GLY A 38 13.49 10.33 14.33
N GLU A 39 14.02 9.15 14.62
CA GLU A 39 15.16 8.61 13.90
C GLU A 39 14.68 7.96 12.59
N GLU A 40 15.59 7.92 11.61
CA GLU A 40 15.30 7.18 10.39
C GLU A 40 15.09 5.71 10.71
N LEU A 41 14.41 5.02 9.80
CA LEU A 41 14.13 3.59 9.92
C LEU A 41 15.10 2.78 9.08
N SER A 42 15.59 1.70 9.65
CA SER A 42 16.36 0.74 8.87
C SER A 42 15.45 -0.01 7.89
N CYS A 43 16.07 -0.81 7.01
CA CYS A 43 15.29 -1.60 6.05
C CYS A 43 14.30 -2.52 6.77
N GLU A 44 14.77 -3.26 7.77
CA GLU A 44 13.88 -4.16 8.50
C GLU A 44 12.74 -3.38 9.14
N GLU A 45 13.06 -2.25 9.73
CA GLU A 45 12.05 -1.45 10.42
C GLU A 45 11.01 -0.89 9.44
N ARG A 46 11.45 -0.44 8.26
CA ARG A 46 10.50 0.02 7.25
C ARG A 46 9.51 -1.08 6.89
N ASN A 47 10.00 -2.31 6.76
CA ASN A 47 9.11 -3.41 6.40
C ASN A 47 8.21 -3.82 7.55
N LEU A 48 8.66 -3.65 8.80
CA LEU A 48 7.73 -3.88 9.91
C LEU A 48 6.59 -2.87 9.87
N LEU A 49 6.91 -1.61 9.59
CA LEU A 49 5.89 -0.58 9.50
C LEU A 49 4.89 -0.90 8.41
N SER A 50 5.40 -1.26 7.22
CA SER A 50 4.52 -1.53 6.09
C SER A 50 3.69 -2.77 6.32
N VAL A 51 4.29 -3.84 6.86
CA VAL A 51 3.52 -5.06 7.12
C VAL A 51 2.36 -4.77 8.07
N ALA A 52 2.63 -4.01 9.13
CA ALA A 52 1.60 -3.73 10.13
C ALA A 52 0.41 -3.01 9.52
N TYR A 53 0.66 -1.88 8.90
CA TYR A 53 -0.45 -1.08 8.40
C TYR A 53 -1.10 -1.75 7.19
N LYS A 54 -0.34 -2.49 6.39
CA LYS A 54 -0.99 -3.16 5.26
C LYS A 54 -2.03 -4.20 5.74
N ASN A 55 -1.71 -4.89 6.82
CA ASN A 55 -2.62 -5.86 7.40
C ASN A 55 -3.83 -5.17 8.00
N VAL A 56 -3.61 -4.08 8.73
CA VAL A 56 -4.75 -3.37 9.32
C VAL A 56 -5.66 -2.82 8.24
N VAL A 57 -5.11 -2.06 7.28
CA VAL A 57 -5.96 -1.43 6.27
C VAL A 57 -6.54 -2.50 5.34
N GLY A 58 -5.81 -3.60 5.15
CA GLY A 58 -6.35 -4.68 4.32
C GLY A 58 -7.62 -5.27 4.88
N GLY A 59 -7.66 -5.45 6.20
CA GLY A 59 -8.89 -5.91 6.83
C GLY A 59 -10.02 -4.90 6.72
N GLN A 60 -9.70 -3.61 6.87
CA GLN A 60 -10.72 -2.57 6.74
C GLN A 60 -11.28 -2.55 5.33
N ARG A 61 -10.39 -2.66 4.34
CA ARG A 61 -10.83 -2.64 2.95
C ARG A 61 -11.74 -3.82 2.65
N ALA A 62 -11.39 -5.01 3.16
CA ALA A 62 -12.22 -6.18 2.92
C ALA A 62 -13.60 -5.97 3.54
N ALA A 63 -13.63 -5.42 4.75
CA ALA A 63 -14.92 -5.16 5.41
C ALA A 63 -15.73 -4.13 4.64
N TRP A 64 -15.07 -3.03 4.25
CA TRP A 64 -15.74 -2.00 3.47
C TRP A 64 -16.36 -2.57 2.20
N ARG A 65 -15.66 -3.48 1.53
CA ARG A 65 -16.18 -4.03 0.28
C ARG A 65 -17.42 -4.87 0.53
N VAL A 66 -17.41 -5.67 1.60
CA VAL A 66 -18.59 -6.45 1.97
C VAL A 66 -19.77 -5.52 2.20
N LEU A 67 -19.55 -4.45 2.99
CA LEU A 67 -20.64 -3.57 3.37
C LEU A 67 -21.12 -2.74 2.18
N SER A 68 -20.19 -2.26 1.34
CA SER A 68 -20.58 -1.56 0.13
C SER A 68 -21.43 -2.43 -0.78
N SER A 69 -21.08 -3.70 -0.90
CA SER A 69 -21.86 -4.62 -1.73
C SER A 69 -23.26 -4.78 -1.17
N ILE A 70 -23.39 -4.93 0.15
CA ILE A 70 -24.72 -5.04 0.76
C ILE A 70 -25.51 -3.76 0.52
N GLU A 71 -24.84 -2.61 0.65
CA GLU A 71 -25.49 -1.32 0.48
C GLU A 71 -26.01 -1.15 -0.95
N GLN A 72 -25.19 -1.51 -1.94
CA GLN A 72 -25.64 -1.37 -3.33
C GLN A 72 -26.84 -2.26 -3.62
N LYS A 73 -26.85 -3.47 -3.05
CA LYS A 73 -28.00 -4.35 -3.24
C LYS A 73 -29.26 -3.79 -2.56
N SER A 74 -29.11 -3.19 -1.38
CA SER A 74 -30.25 -2.57 -0.71
C SER A 74 -30.84 -1.44 -1.54
N ASN A 75 -30.09 -0.93 -2.52
CA ASN A 75 -30.50 0.18 -3.36
C ASN A 75 -30.96 -0.24 -4.75
N GLU A 76 -30.99 -1.55 -5.04
CA GLU A 76 -31.50 -2.03 -6.32
C GLU A 76 -33.03 -1.94 -6.34
N GLU A 77 -33.58 -1.82 -7.55
CA GLU A 77 -35.03 -1.80 -7.71
C GLU A 77 -35.63 -3.13 -7.29
N GLY A 78 -36.56 -3.08 -6.32
CA GLY A 78 -37.18 -4.26 -5.77
C GLY A 78 -36.79 -4.55 -4.34
N SER A 79 -35.79 -3.85 -3.81
CA SER A 79 -35.31 -4.11 -2.46
C SER A 79 -36.28 -3.57 -1.43
N GLU A 80 -36.30 -4.21 -0.26
CA GLU A 80 -37.09 -3.77 0.86
C GLU A 80 -36.27 -2.78 1.69
N GLU A 81 -36.82 -1.59 1.91
CA GLU A 81 -36.14 -0.56 2.68
C GLU A 81 -35.70 -1.11 4.03
N LYS A 82 -34.40 -1.03 4.30
CA LYS A 82 -33.85 -1.55 5.55
C LYS A 82 -33.43 -0.43 6.50
N GLY A 83 -33.68 0.83 6.15
CA GLY A 83 -33.34 1.94 7.01
C GLY A 83 -31.92 2.40 6.76
N PRO A 84 -31.43 3.29 7.61
CA PRO A 84 -30.11 3.90 7.39
C PRO A 84 -28.94 3.05 7.87
N GLU A 85 -29.19 1.86 8.43
CA GLU A 85 -28.15 1.18 9.19
C GLU A 85 -26.99 0.70 8.30
N VAL A 86 -27.28 0.20 7.10
CA VAL A 86 -26.20 -0.32 6.26
C VAL A 86 -25.28 0.83 5.86
N ARG A 87 -25.86 1.94 5.40
CA ARG A 87 -25.07 3.11 5.08
C ARG A 87 -24.28 3.60 6.29
N GLU A 88 -24.94 3.70 7.46
CA GLU A 88 -24.25 4.19 8.65
C GLU A 88 -23.04 3.34 8.96
N TYR A 89 -23.20 2.02 8.92
CA TYR A 89 -22.11 1.15 9.34
C TYR A 89 -20.99 1.13 8.28
N ARG A 90 -21.36 1.15 6.99
CA ARG A 90 -20.34 1.33 5.95
C ARG A 90 -19.56 2.63 6.16
N GLU A 91 -20.28 3.71 6.50
CA GLU A 91 -19.65 4.99 6.80
C GLU A 91 -18.71 4.88 7.98
N LYS A 92 -19.10 4.15 9.02
CA LYS A 92 -18.25 3.98 10.20
C LYS A 92 -16.94 3.31 9.82
N VAL A 93 -17.03 2.19 9.11
CA VAL A 93 -15.83 1.48 8.68
C VAL A 93 -15.00 2.36 7.75
N GLU A 94 -15.66 3.06 6.83
CA GLU A 94 -14.97 3.95 5.91
C GLU A 94 -14.19 5.04 6.64
N THR A 95 -14.80 5.63 7.67
CA THR A 95 -14.14 6.69 8.42
C THR A 95 -12.92 6.12 9.17
N GLU A 96 -13.05 4.91 9.71
CA GLU A 96 -11.92 4.30 10.40
C GLU A 96 -10.78 4.02 9.43
N LEU A 97 -11.13 3.51 8.24
CA LEU A 97 -10.14 3.29 7.18
C LEU A 97 -9.43 4.60 6.80
N GLN A 98 -10.21 5.65 6.53
CA GLN A 98 -9.60 6.94 6.20
C GLN A 98 -8.69 7.39 7.32
N GLY A 99 -9.07 7.12 8.56
CA GLY A 99 -8.21 7.53 9.65
C GLY A 99 -6.87 6.82 9.64
N VAL A 100 -6.87 5.51 9.38
CA VAL A 100 -5.63 4.76 9.29
C VAL A 100 -4.78 5.29 8.14
N CYS A 101 -5.40 5.53 6.98
CA CYS A 101 -4.65 6.08 5.85
C CYS A 101 -4.04 7.44 6.18
N ASP A 102 -4.83 8.32 6.81
CA ASP A 102 -4.33 9.62 7.21
C ASP A 102 -3.18 9.49 8.19
N THR A 103 -3.26 8.52 9.12
CA THR A 103 -2.16 8.30 10.06
C THR A 103 -0.89 7.92 9.33
N VAL A 104 -0.98 6.97 8.40
CA VAL A 104 0.23 6.55 7.68
C VAL A 104 0.77 7.70 6.85
N LEU A 105 -0.11 8.39 6.12
CA LEU A 105 0.34 9.51 5.31
C LEU A 105 0.98 10.59 6.17
N GLY A 106 0.45 10.77 7.38
CA GLY A 106 1.04 11.71 8.29
C GLY A 106 2.44 11.33 8.74
N LEU A 107 2.66 10.05 9.02
CA LEU A 107 4.00 9.60 9.35
C LEU A 107 4.96 9.81 8.18
N LEU A 108 4.50 9.55 6.95
CA LEU A 108 5.37 9.76 5.80
C LEU A 108 5.70 11.24 5.62
N ASP A 109 4.74 12.12 5.90
CA ASP A 109 4.95 13.55 5.73
C ASP A 109 5.67 14.18 6.92
N SER A 110 5.68 13.51 8.07
CA SER A 110 6.30 14.05 9.29
C SER A 110 7.04 12.94 10.04
N HIS A 111 8.26 12.59 9.61
CA HIS A 111 9.02 13.27 8.55
C HIS A 111 9.82 12.26 7.76
N LEU A 112 9.22 11.09 7.51
CA LEU A 112 9.97 9.99 6.93
C LEU A 112 10.49 10.31 5.52
N ILE A 113 9.62 10.85 4.65
CA ILE A 113 10.03 11.07 3.26
C ILE A 113 11.12 12.13 3.19
N LYS A 114 10.95 13.24 3.90
CA LYS A 114 11.92 14.32 3.73
C LYS A 114 13.32 13.94 4.19
N GLU A 115 13.46 12.96 5.08
CA GLU A 115 14.78 12.53 5.52
C GLU A 115 15.31 11.34 4.73
N ALA A 116 14.52 10.81 3.77
CA ALA A 116 14.87 9.59 3.05
C ALA A 116 15.63 9.97 1.79
N GLY A 117 16.94 9.70 1.79
CA GLY A 117 17.80 10.07 0.68
C GLY A 117 18.28 8.91 -0.17
N ASP A 118 18.40 7.73 0.42
CA ASP A 118 18.80 6.57 -0.34
C ASP A 118 17.62 6.06 -1.16
N ALA A 119 17.91 5.51 -2.34
CA ALA A 119 16.80 5.05 -3.18
C ALA A 119 15.93 4.01 -2.48
N GLU A 120 16.54 3.07 -1.75
CA GLU A 120 15.74 1.99 -1.17
C GLU A 120 14.77 2.52 -0.13
N SER A 121 15.13 3.58 0.58
CA SER A 121 14.19 4.15 1.54
C SER A 121 13.19 5.09 0.87
N ARG A 122 13.69 5.99 0.01
CA ARG A 122 12.82 6.98 -0.60
C ARG A 122 11.78 6.35 -1.51
N VAL A 123 12.19 5.39 -2.36
CA VAL A 123 11.21 4.72 -3.23
C VAL A 123 10.20 3.96 -2.38
N PHE A 124 10.66 3.28 -1.33
CA PHE A 124 9.74 2.54 -0.45
C PHE A 124 8.68 3.47 0.13
N TYR A 125 9.10 4.61 0.66
CA TYR A 125 8.13 5.51 1.29
C TYR A 125 7.19 6.15 0.26
N LEU A 126 7.72 6.52 -0.91
CA LEU A 126 6.85 7.11 -1.91
C LEU A 126 5.85 6.08 -2.45
N LYS A 127 6.27 4.82 -2.58
CA LYS A 127 5.31 3.75 -2.90
C LYS A 127 4.20 3.68 -1.84
N MET A 128 4.58 3.70 -0.55
CA MET A 128 3.59 3.72 0.52
C MET A 128 2.64 4.90 0.38
N LYS A 129 3.17 6.08 0.05
CA LYS A 129 2.32 7.26 -0.09
C LYS A 129 1.32 7.05 -1.22
N GLY A 130 1.77 6.49 -2.35
CA GLY A 130 0.84 6.17 -3.43
C GLY A 130 -0.19 5.13 -3.01
N ASP A 131 0.25 4.10 -2.30
CA ASP A 131 -0.65 3.04 -1.84
C ASP A 131 -1.77 3.61 -0.95
N TYR A 132 -1.42 4.46 0.03
CA TYR A 132 -2.44 4.90 0.99
C TYR A 132 -3.34 5.97 0.39
N TYR A 133 -2.84 6.78 -0.56
CA TYR A 133 -3.76 7.59 -1.34
C TYR A 133 -4.65 6.73 -2.22
N ARG A 134 -4.11 5.62 -2.76
CA ARG A 134 -4.95 4.71 -3.53
C ARG A 134 -6.09 4.15 -2.67
N TYR A 135 -5.80 3.75 -1.42
CA TYR A 135 -6.87 3.24 -0.56
C TYR A 135 -7.89 4.33 -0.26
N LEU A 136 -7.45 5.57 -0.06
CA LEU A 136 -8.40 6.67 0.08
C LEU A 136 -9.23 6.83 -1.18
N ALA A 137 -8.60 6.66 -2.35
CA ALA A 137 -9.33 6.80 -3.61
C ALA A 137 -10.41 5.75 -3.76
N GLU A 138 -10.17 4.54 -3.25
CA GLU A 138 -11.11 3.44 -3.41
C GLU A 138 -12.46 3.77 -2.78
N VAL A 139 -12.47 4.61 -1.74
CA VAL A 139 -13.72 4.96 -1.04
C VAL A 139 -14.16 6.38 -1.29
N ALA A 140 -13.41 7.14 -2.08
CA ALA A 140 -13.70 8.54 -2.31
C ALA A 140 -14.84 8.70 -3.31
N THR A 141 -15.72 9.68 -3.03
CA THR A 141 -16.82 10.02 -3.90
C THR A 141 -17.08 11.53 -4.05
N GLY A 142 -16.36 12.38 -3.34
CA GLY A 142 -16.71 13.78 -3.20
C GLY A 142 -15.91 14.71 -4.10
N ASP A 143 -15.97 16.01 -3.75
CA ASP A 143 -15.27 17.07 -4.49
C ASP A 143 -13.77 16.81 -4.60
N ASP A 144 -13.22 15.98 -3.72
CA ASP A 144 -11.78 15.78 -3.59
C ASP A 144 -11.29 14.53 -4.31
N LYS A 145 -12.19 13.75 -4.91
CA LYS A 145 -11.80 12.45 -5.46
C LYS A 145 -10.71 12.57 -6.52
N LYS A 146 -10.85 13.53 -7.42
CA LYS A 146 -9.82 13.66 -8.45
C LYS A 146 -8.48 14.06 -7.84
N ARG A 147 -8.51 14.90 -6.81
CA ARG A 147 -7.26 15.32 -6.19
C ARG A 147 -6.62 14.17 -5.44
N ILE A 148 -7.42 13.30 -4.81
CA ILE A 148 -6.88 12.13 -4.13
C ILE A 148 -6.20 11.21 -5.14
N ILE A 149 -6.87 10.97 -6.27
CA ILE A 149 -6.30 10.16 -7.34
C ILE A 149 -5.01 10.76 -7.84
N ASP A 150 -4.97 12.08 -8.02
CA ASP A 150 -3.74 12.68 -8.53
C ASP A 150 -2.62 12.62 -7.50
N SER A 151 -2.96 12.71 -6.20
CA SER A 151 -1.94 12.54 -5.17
C SER A 151 -1.33 11.15 -5.21
N ALA A 152 -2.15 10.12 -5.40
CA ALA A 152 -1.61 8.77 -5.56
C ALA A 152 -0.69 8.68 -6.79
N ARG A 153 -1.21 9.17 -7.92
CA ARG A 153 -0.44 9.15 -9.17
C ARG A 153 0.89 9.85 -9.02
N SER A 154 0.88 11.03 -8.39
CA SER A 154 2.10 11.82 -8.25
C SER A 154 3.14 11.11 -7.38
N ALA A 155 2.71 10.50 -6.28
CA ALA A 155 3.64 9.78 -5.43
C ALA A 155 4.25 8.58 -6.15
N TYR A 156 3.39 7.78 -6.80
CA TYR A 156 3.84 6.64 -7.58
C TYR A 156 4.82 7.09 -8.66
N GLN A 157 4.52 8.21 -9.33
CA GLN A 157 5.37 8.66 -10.44
C GLN A 157 6.74 9.08 -9.95
N GLU A 158 6.81 9.80 -8.82
CA GLU A 158 8.12 10.17 -8.29
C GLU A 158 8.90 8.92 -7.89
N ALA A 159 8.24 7.96 -7.25
CA ALA A 159 8.88 6.69 -6.92
C ALA A 159 9.36 5.96 -8.16
N MET A 160 8.55 5.93 -9.22
CA MET A 160 8.96 5.28 -10.46
C MET A 160 10.20 5.95 -11.04
N ASP A 161 10.19 7.28 -11.10
CA ASP A 161 11.31 7.98 -11.71
C ASP A 161 12.61 7.69 -10.98
N ILE A 162 12.58 7.70 -9.63
CA ILE A 162 13.77 7.37 -8.87
C ILE A 162 14.18 5.93 -9.09
N SER A 163 13.22 5.01 -9.08
CA SER A 163 13.53 3.59 -9.18
C SER A 163 14.18 3.27 -10.52
N LYS A 164 13.74 3.91 -11.60
CA LYS A 164 14.33 3.62 -12.90
C LYS A 164 15.75 4.17 -13.01
N LYS A 165 16.05 5.25 -12.28
CA LYS A 165 17.38 5.83 -12.32
C LYS A 165 18.36 5.11 -11.40
N GLU A 166 17.87 4.61 -10.24
CA GLU A 166 18.75 4.22 -9.16
C GLU A 166 18.70 2.75 -8.78
N MET A 167 17.75 1.96 -9.30
CA MET A 167 17.70 0.57 -8.94
C MET A 167 17.71 -0.32 -10.18
N PRO A 168 18.21 -1.54 -10.06
CA PRO A 168 18.14 -2.47 -11.17
C PRO A 168 16.67 -2.90 -11.40
N PRO A 169 16.37 -3.40 -12.60
CA PRO A 169 14.97 -3.75 -12.89
C PRO A 169 14.46 -4.93 -12.10
N THR A 170 15.33 -5.71 -11.46
CA THR A 170 14.88 -6.81 -10.60
C THR A 170 14.72 -6.42 -9.14
N ASN A 171 15.05 -5.18 -8.76
CA ASN A 171 14.96 -4.81 -7.37
C ASN A 171 13.53 -5.05 -6.88
N PRO A 172 13.33 -5.81 -5.80
CA PRO A 172 11.95 -6.13 -5.40
C PRO A 172 11.10 -4.92 -5.02
N ILE A 173 11.70 -3.84 -4.51
CA ILE A 173 10.94 -2.62 -4.25
C ILE A 173 10.46 -2.02 -5.56
N ARG A 174 11.37 -1.92 -6.54
CA ARG A 174 11.00 -1.44 -7.87
C ARG A 174 9.89 -2.29 -8.47
N LEU A 175 10.00 -3.62 -8.37
CA LEU A 175 8.99 -4.51 -8.90
C LEU A 175 7.65 -4.34 -8.21
N GLY A 176 7.65 -4.25 -6.88
CA GLY A 176 6.40 -4.10 -6.15
C GLY A 176 5.75 -2.76 -6.39
N LEU A 177 6.56 -1.72 -6.54
CA LEU A 177 6.04 -0.41 -6.91
C LEU A 177 5.33 -0.47 -8.25
N ALA A 178 5.98 -1.07 -9.25
CA ALA A 178 5.37 -1.18 -10.58
C ALA A 178 4.10 -2.03 -10.54
N LEU A 179 4.12 -3.15 -9.82
CA LEU A 179 2.92 -3.95 -9.63
C LEU A 179 1.76 -3.10 -9.12
N ASN A 180 2.01 -2.33 -8.08
CA ASN A 180 0.91 -1.57 -7.45
C ASN A 180 0.49 -0.37 -8.30
N PHE A 181 1.45 0.31 -8.95
CA PHE A 181 1.11 1.42 -9.84
C PHE A 181 0.30 0.91 -11.01
N SER A 182 0.63 -0.28 -11.52
CA SER A 182 -0.18 -0.91 -12.55
C SER A 182 -1.61 -1.16 -12.07
N VAL A 183 -1.77 -1.66 -10.83
CA VAL A 183 -3.12 -1.83 -10.30
C VAL A 183 -3.84 -0.48 -10.14
N PHE A 184 -3.11 0.56 -9.69
CA PHE A 184 -3.67 1.91 -9.66
C PHE A 184 -4.25 2.27 -11.03
N HIS A 185 -3.47 2.06 -12.10
CA HIS A 185 -3.98 2.41 -13.42
C HIS A 185 -5.26 1.65 -13.73
N TYR A 186 -5.28 0.35 -13.46
CA TYR A 186 -6.40 -0.50 -13.85
C TYR A 186 -7.65 -0.20 -13.02
N GLU A 187 -7.51 -0.11 -11.71
CA GLU A 187 -8.66 -0.07 -10.81
C GLU A 187 -9.09 1.34 -10.41
N ILE A 188 -8.18 2.31 -10.43
CA ILE A 188 -8.46 3.65 -9.95
C ILE A 188 -8.54 4.66 -11.10
N ALA A 189 -7.58 4.62 -12.02
CA ALA A 189 -7.46 5.63 -13.05
C ALA A 189 -8.18 5.28 -14.35
N ASN A 190 -8.88 4.16 -14.40
CA ASN A 190 -9.63 3.74 -15.59
C ASN A 190 -8.71 3.70 -16.80
N SER A 191 -7.50 3.19 -16.58
CA SER A 191 -6.47 3.11 -17.61
C SER A 191 -5.94 1.69 -17.73
N PRO A 192 -6.79 0.75 -18.14
CA PRO A 192 -6.34 -0.65 -18.23
C PRO A 192 -5.19 -0.84 -19.21
N GLU A 193 -5.16 -0.10 -20.31
CA GLU A 193 -4.06 -0.29 -21.24
C GLU A 193 -2.71 0.11 -20.62
N GLU A 194 -2.70 1.22 -19.87
CA GLU A 194 -1.50 1.63 -19.15
C GLU A 194 -1.10 0.59 -18.12
N ALA A 195 -2.09 0.02 -17.42
CA ALA A 195 -1.83 -1.02 -16.43
C ALA A 195 -1.15 -2.22 -17.06
N ILE A 196 -1.67 -2.66 -18.21
CA ILE A 196 -1.14 -3.84 -18.88
C ILE A 196 0.25 -3.54 -19.44
N SER A 197 0.44 -2.39 -20.08
CA SER A 197 1.75 -2.02 -20.61
C SER A 197 2.79 -1.99 -19.50
N LEU A 198 2.46 -1.35 -18.38
CA LEU A 198 3.43 -1.23 -17.30
C LEU A 198 3.79 -2.61 -16.75
N ALA A 199 2.80 -3.47 -16.52
CA ALA A 199 3.09 -4.79 -15.97
C ALA A 199 3.96 -5.59 -16.93
N LYS A 200 3.65 -5.55 -18.22
CA LYS A 200 4.42 -6.33 -19.20
C LYS A 200 5.85 -5.83 -19.33
N THR A 201 6.02 -4.52 -19.50
CA THR A 201 7.38 -3.97 -19.62
C THR A 201 8.20 -4.24 -18.36
N THR A 202 7.60 -4.08 -17.17
CA THR A 202 8.30 -4.38 -15.93
C THR A 202 8.74 -5.83 -15.90
N PHE A 203 7.84 -6.74 -16.27
CA PHE A 203 8.15 -8.17 -16.25
C PHE A 203 9.31 -8.46 -17.21
N ASP A 204 9.24 -7.94 -18.42
CA ASP A 204 10.26 -8.27 -19.43
C ASP A 204 11.62 -7.69 -19.07
N GLU A 205 11.65 -6.47 -18.53
CA GLU A 205 12.92 -5.89 -18.15
C GLU A 205 13.53 -6.63 -16.96
N ALA A 206 12.68 -7.12 -16.06
CA ALA A 206 13.19 -7.90 -14.94
C ALA A 206 13.76 -9.23 -15.44
N MET A 207 13.01 -9.90 -16.32
CA MET A 207 13.47 -11.18 -16.87
C MET A 207 14.89 -11.08 -17.38
N ALA A 208 15.18 -10.01 -18.12
CA ALA A 208 16.47 -9.85 -18.75
C ALA A 208 17.59 -9.54 -17.76
N ASP A 209 17.29 -9.24 -16.50
CA ASP A 209 18.30 -8.89 -15.51
C ASP A 209 18.48 -10.00 -14.48
N LEU A 210 17.65 -11.05 -14.54
CA LEU A 210 17.74 -12.14 -13.57
C LEU A 210 19.09 -12.83 -13.57
N HIS A 211 19.78 -12.83 -14.72
CA HIS A 211 21.06 -13.55 -14.82
C HIS A 211 22.12 -12.97 -13.91
N THR A 212 21.93 -11.74 -13.42
CA THR A 212 22.91 -11.08 -12.57
C THR A 212 22.80 -11.47 -11.10
N LEU A 213 21.75 -12.20 -10.74
CA LEU A 213 21.36 -12.37 -9.36
C LEU A 213 21.84 -13.68 -8.74
N SER A 214 22.05 -13.62 -7.42
CA SER A 214 22.22 -14.81 -6.63
C SER A 214 20.92 -15.62 -6.57
N GLU A 215 21.04 -16.85 -6.06
CA GLU A 215 19.86 -17.70 -5.91
C GLU A 215 18.83 -17.04 -5.02
N ASP A 216 19.26 -16.40 -3.92
CA ASP A 216 18.27 -15.85 -3.02
C ASP A 216 17.62 -14.59 -3.61
N SER A 217 18.42 -13.77 -4.30
CA SER A 217 17.86 -12.57 -4.94
C SER A 217 16.91 -12.97 -6.07
N TYR A 218 17.28 -14.01 -6.82
CA TYR A 218 16.41 -14.56 -7.85
C TYR A 218 15.05 -14.96 -7.29
N LYS A 219 15.04 -15.64 -6.14
CA LYS A 219 13.77 -16.04 -5.55
C LYS A 219 12.91 -14.83 -5.21
N ASP A 220 13.53 -13.80 -4.64
CA ASP A 220 12.78 -12.60 -4.27
C ASP A 220 12.18 -11.92 -5.49
N SER A 221 12.97 -11.77 -6.54
CA SER A 221 12.50 -11.05 -7.73
C SER A 221 11.46 -11.87 -8.49
N THR A 222 11.70 -13.17 -8.65
CA THR A 222 10.75 -13.95 -9.43
C THR A 222 9.41 -14.07 -8.73
N LEU A 223 9.38 -14.00 -7.39
CA LEU A 223 8.10 -14.01 -6.68
C LEU A 223 7.22 -12.85 -7.14
N ILE A 224 7.78 -11.64 -7.18
CA ILE A 224 6.96 -10.50 -7.57
C ILE A 224 6.68 -10.53 -9.06
N MET A 225 7.62 -11.06 -9.85
CA MET A 225 7.38 -11.18 -11.29
C MET A 225 6.16 -12.06 -11.53
N GLN A 226 5.98 -13.12 -10.71
CA GLN A 226 4.83 -13.99 -10.85
C GLN A 226 3.53 -13.25 -10.57
N LEU A 227 3.55 -12.32 -9.61
CA LEU A 227 2.37 -11.50 -9.35
C LEU A 227 2.04 -10.60 -10.54
N LEU A 228 3.06 -10.02 -11.19
CA LEU A 228 2.82 -9.28 -12.42
C LEU A 228 2.15 -10.14 -13.48
N ARG A 229 2.65 -11.37 -13.67
CA ARG A 229 2.06 -12.29 -14.63
C ARG A 229 0.64 -12.65 -14.24
N ASP A 230 0.40 -12.87 -12.94
CA ASP A 230 -0.93 -13.21 -12.46
C ASP A 230 -1.92 -12.10 -12.84
N ASN A 231 -1.52 -10.85 -12.61
CA ASN A 231 -2.42 -9.76 -12.97
C ASN A 231 -2.64 -9.69 -14.47
N LEU A 232 -1.56 -9.83 -15.25
CA LEU A 232 -1.70 -9.82 -16.71
C LEU A 232 -2.66 -10.90 -17.17
N THR A 233 -2.61 -12.07 -16.52
CA THR A 233 -3.53 -13.16 -16.87
C THR A 233 -4.96 -12.81 -16.50
N LEU A 234 -5.16 -12.13 -15.39
CA LEU A 234 -6.49 -11.66 -15.01
C LEU A 234 -7.03 -10.65 -16.02
N TRP A 235 -6.16 -9.87 -16.63
CA TRP A 235 -6.58 -8.72 -17.42
C TRP A 235 -6.61 -8.94 -18.92
N THR A 236 -6.15 -10.09 -19.40
CA THR A 236 -6.06 -10.33 -20.83
C THR A 236 -6.69 -11.70 -21.15
N PHE B 1 -9.82 -9.72 -7.01
CA PHE B 1 -9.00 -8.51 -6.94
C PHE B 1 -7.57 -8.80 -7.40
N PRO B 2 -6.92 -7.81 -7.99
CA PRO B 2 -5.55 -8.03 -8.46
C PRO B 2 -4.54 -7.99 -7.33
N ALA B 3 -3.38 -8.57 -7.61
CA ALA B 3 -2.33 -8.64 -6.63
C ALA B 3 -1.58 -7.31 -6.45
N TPO B 4 -1.36 -6.96 -5.18
CA TPO B 4 -0.51 -5.85 -4.78
CB TPO B 4 -1.35 -4.58 -4.38
CG2 TPO B 4 -2.05 -3.98 -5.61
OG1 TPO B 4 -2.25 -5.06 -3.38
P TPO B 4 -3.06 -3.95 -2.54
O1P TPO B 4 -3.51 -4.81 -1.28
O2P TPO B 4 -4.25 -3.54 -3.33
O3P TPO B 4 -2.12 -2.78 -2.12
C TPO B 4 0.34 -6.30 -3.61
O TPO B 4 0.00 -7.27 -2.89
N VAL B 5 1.45 -5.61 -3.39
CA VAL B 5 2.33 -5.95 -2.29
C VAL B 5 2.68 -4.76 -1.40
C10 SE3 C . 8.19 -5.32 -2.48
C11 SE3 C . 8.20 -6.72 -2.29
C12 SE3 C . 8.08 -8.90 1.46
C15 SE3 C . 10.46 -8.11 2.18
C16 SE3 C . 10.25 -8.30 3.57
C17 SE3 C . 11.21 -7.78 4.47
C18 SE3 C . 12.34 -7.08 4.02
C19 SE3 C . 12.54 -6.90 2.61
C20 SE3 C . 11.61 -7.41 1.72
C21 SE3 C . 11.01 -7.96 5.98
C22 SE3 C . 12.00 -7.70 6.99
C01 SE3 C . 7.09 -10.94 0.71
C02 SE3 C . 7.22 -9.45 0.33
C03 SE3 C . 5.70 -9.00 0.39
C05 SE3 C . 7.74 -7.31 -1.15
C06 SE3 C . 7.27 -6.43 -0.11
C07 SE3 C . 7.25 -5.05 -0.28
C08 SE3 C . 7.72 -4.51 -1.45
C24 SE3 C . 9.89 -8.50 7.99
C25 SE3 C . 9.75 -8.44 6.55
C26 SE3 C . 8.82 -8.96 8.91
N04 SE3 C . 7.75 -8.82 -0.95
N14 SE3 C . 9.48 -8.65 1.16
N27 SE3 C . 7.51 -9.20 8.39
N28 SE3 C . 9.17 -9.15 10.13
O13 SE3 C . 7.59 -8.68 2.54
S23 SE3 C . 11.34 -8.02 8.44
CL09 SE3 C . 7.76 -2.70 -1.66
H101 SE3 C . 8.53 -4.90 -3.38
H111 SE3 C . 8.57 -7.34 -3.04
H161 SE3 C . 9.37 -8.85 3.94
H181 SE3 C . 13.04 -6.70 4.72
H191 SE3 C . 13.43 -6.36 2.25
H201 SE3 C . 11.74 -7.27 0.69
H221 SE3 C . 13.03 -7.34 6.82
H013 SE3 C . 8.08 -11.43 0.61
H011 SE3 C . 6.36 -11.43 0.04
H012 SE3 C . 6.75 -11.02 1.76
H033 SE3 C . 5.19 -9.62 1.09
H032 SE3 C . 5.27 -9.10 -0.57
H031 SE3 C . 5.66 -7.99 0.71
H061 SE3 C . 6.90 -6.86 0.82
H071 SE3 C . 6.86 -4.41 0.51
H251 SE3 C . 8.81 -8.72 5.96
H041 SE3 C . 8.12 -9.44 -1.69
H141 SE3 C . 9.83 -8.86 0.20
H272 SE3 C . 6.73 -9.53 9.03
H281 SE3 C . 8.53 -9.48 10.82
H271 SE3 C . 7.31 -9.02 7.41
#